data_4NZ9
#
_entry.id   4NZ9
#
_cell.length_a   80.545
_cell.length_b   61.034
_cell.length_c   112.609
_cell.angle_alpha   90.00
_cell.angle_beta   90.00
_cell.angle_gamma   90.00
#
_symmetry.space_group_name_H-M   'P 21 21 2'
#
loop_
_entity.id
_entity.type
_entity.pdbx_description
1 polymer 'Enoyl-[acyl-carrier-protein] reductase [NADPH]'
2 non-polymer 1-(4-methoxy-3-methylbenzyl)-5,6,7,8-tetrahydro-1H-naphtho[2,3-d]imidazole
3 non-polymer 'NADP NICOTINAMIDE-ADENINE-DINUCLEOTIDE PHOSPHATE'
4 water water
#
_entity_poly.entity_id   1
_entity_poly.type   'polypeptide(L)'
_entity_poly.pdbx_seq_one_letter_code
;MGSSHHHHHHSSGLVPRGSHMLEMLNLENKTYVIMGIANKRSIAFGVAKVLDQLGAKLVFTYRKERSRKELEKLLEQLNQ
PEAHLYQIDVQSDEEVINGFEQIGKDVGNIDGVYHSIAFANMEDLRGRFSETSREGFLLAQDISSYSLTIVAHEAKKLMP
EGGSIVATTYLGGEFAVQNYNVMGVAKASLEANVKYLALDLGPDNIRVNAISAGPIRTLSAKGVGGFNTILKEIEERAPL
KRNVDQVEVGKTAAYLLSDLSSGVTGENIHVDSGFHAIK
;
_entity_poly.pdbx_strand_id   A,B
#
# COMPACT_ATOMS: atom_id res chain seq x y z
N LEU A 25 -4.52 -13.02 8.26
CA LEU A 25 -5.68 -12.26 8.79
C LEU A 25 -5.95 -12.58 10.26
N ASN A 26 -5.86 -11.54 11.11
CA ASN A 26 -6.01 -11.69 12.56
C ASN A 26 -7.03 -10.72 13.17
N LEU A 27 -6.53 -9.79 13.99
CA LEU A 27 -7.32 -8.69 14.61
C LEU A 27 -8.30 -9.10 15.72
N GLU A 28 -8.80 -10.33 15.63
CA GLU A 28 -9.73 -10.90 16.63
C GLU A 28 -9.25 -10.77 18.08
N ASN A 29 -8.01 -11.17 18.34
CA ASN A 29 -7.45 -11.11 19.69
C ASN A 29 -6.38 -10.02 19.84
N LYS A 30 -6.40 -9.06 18.91
CA LYS A 30 -5.38 -8.01 18.87
C LYS A 30 -5.83 -6.66 19.42
N THR A 31 -4.87 -5.86 19.87
CA THR A 31 -5.14 -4.59 20.55
C THR A 31 -4.47 -3.42 19.84
N TYR A 32 -5.23 -2.35 19.58
CA TYR A 32 -4.74 -1.18 18.88
C TYR A 32 -5.05 0.14 19.59
N VAL A 33 -4.06 1.03 19.62
CA VAL A 33 -4.24 2.36 20.19
C VAL A 33 -4.48 3.37 19.07
N ILE A 34 -5.62 4.04 19.13
CA ILE A 34 -5.98 5.06 18.16
C ILE A 34 -5.86 6.44 18.81
N MET A 35 -5.05 7.29 18.18
CA MET A 35 -4.77 8.62 18.70
C MET A 35 -5.29 9.69 17.75
N GLY A 36 -6.27 10.48 18.21
CA GLY A 36 -6.71 11.66 17.47
C GLY A 36 -8.13 11.69 16.93
N ILE A 37 -9.07 11.11 17.67
CA ILE A 37 -10.49 11.32 17.38
C ILE A 37 -10.97 12.61 18.08
N ALA A 38 -11.56 13.52 17.30
CA ALA A 38 -12.14 14.75 17.84
C ALA A 38 -13.67 14.76 17.74
N ASN A 39 -14.20 14.30 16.61
CA ASN A 39 -15.66 14.17 16.40
C ASN A 39 -16.02 12.99 15.48
N LYS A 40 -17.25 12.99 14.96
CA LYS A 40 -17.72 11.85 14.15
C LYS A 40 -17.11 11.78 12.75
N ARG A 41 -16.56 12.89 12.28
CA ARG A 41 -15.94 12.93 10.95
C ARG A 41 -14.42 12.84 10.96
N SER A 42 -13.83 12.64 12.13
CA SER A 42 -12.39 12.44 12.26
C SER A 42 -11.94 11.22 11.47
N ILE A 43 -10.81 11.35 10.76
CA ILE A 43 -10.22 10.23 10.01
C ILE A 43 -10.00 9.02 10.92
N ALA A 44 -9.55 9.28 12.15
CA ALA A 44 -9.29 8.24 13.13
C ALA A 44 -10.53 7.45 13.54
N PHE A 45 -11.70 8.09 13.48
CA PHE A 45 -12.96 7.41 13.77
C PHE A 45 -13.30 6.41 12.67
N GLY A 46 -13.04 6.79 11.42
CA GLY A 46 -13.14 5.88 10.27
C GLY A 46 -12.31 4.63 10.48
N VAL A 47 -11.08 4.83 10.95
CA VAL A 47 -10.17 3.74 11.30
C VAL A 47 -10.76 2.85 12.40
N ALA A 48 -11.35 3.48 13.42
CA ALA A 48 -11.93 2.78 14.56
C ALA A 48 -13.11 1.87 14.16
N LYS A 49 -14.01 2.39 13.34
CA LYS A 49 -15.16 1.63 12.82
C LYS A 49 -14.72 0.37 12.09
N VAL A 50 -13.72 0.51 11.21
CA VAL A 50 -13.19 -0.61 10.44
C VAL A 50 -12.55 -1.67 11.33
N LEU A 51 -11.64 -1.26 12.22
CA LEU A 51 -10.96 -2.20 13.14
C LEU A 51 -11.92 -2.84 14.15
N ASP A 52 -13.01 -2.12 14.47
CA ASP A 52 -14.03 -2.64 15.38
C ASP A 52 -14.85 -3.76 14.75
N GLN A 53 -15.20 -3.58 13.48
CA GLN A 53 -15.90 -4.62 12.71
C GLN A 53 -15.04 -5.87 12.55
N LEU A 54 -13.73 -5.70 12.46
CA LEU A 54 -12.81 -6.85 12.40
C LEU A 54 -12.57 -7.48 13.77
N GLY A 55 -13.07 -6.83 14.82
CA GLY A 55 -13.11 -7.42 16.16
C GLY A 55 -11.93 -7.07 17.07
N ALA A 56 -11.27 -5.95 16.78
CA ALA A 56 -10.11 -5.53 17.57
C ALA A 56 -10.49 -4.86 18.89
N LYS A 57 -9.68 -5.09 19.92
CA LYS A 57 -9.79 -4.34 21.16
C LYS A 57 -9.14 -2.98 20.92
N LEU A 58 -9.89 -1.91 21.17
CA LEU A 58 -9.41 -0.56 20.87
C LEU A 58 -9.15 0.28 22.11
N VAL A 59 -8.09 1.08 22.03
CA VAL A 59 -7.72 2.04 23.07
C VAL A 59 -7.65 3.40 22.41
N PHE A 60 -8.25 4.40 23.06
CA PHE A 60 -8.34 5.74 22.50
C PHE A 60 -7.60 6.77 23.35
N THR A 61 -6.99 7.74 22.68
CA THR A 61 -6.39 8.88 23.36
C THR A 61 -7.00 10.17 22.81
N TYR A 62 -7.02 11.21 23.65
CA TYR A 62 -7.62 12.49 23.29
C TYR A 62 -6.87 13.61 24.02
N ARG A 63 -6.97 14.83 23.47
CA ARG A 63 -6.41 16.02 24.14
C ARG A 63 -7.50 16.82 24.86
N LYS A 64 -8.40 17.42 24.09
CA LYS A 64 -9.45 18.30 24.62
C LYS A 64 -10.56 17.54 25.35
N GLU A 65 -11.03 18.13 26.45
CA GLU A 65 -12.19 17.59 27.17
C GLU A 65 -13.40 17.39 26.26
N ARG A 66 -13.59 18.33 25.32
CA ARG A 66 -14.63 18.23 24.31
C ARG A 66 -14.51 16.97 23.46
N SER A 67 -13.27 16.55 23.19
CA SER A 67 -13.01 15.33 22.43
C SER A 67 -13.32 14.08 23.26
N ARG A 68 -13.16 14.18 24.58
CA ARG A 68 -13.54 13.11 25.49
C ARG A 68 -15.05 12.88 25.48
N LYS A 69 -15.81 13.98 25.47
CA LYS A 69 -17.27 13.91 25.41
C LYS A 69 -17.69 13.21 24.12
N GLU A 70 -17.06 13.62 23.01
CA GLU A 70 -17.33 13.04 21.70
C GLU A 70 -16.98 11.56 21.65
N LEU A 71 -15.83 11.19 22.21
CA LEU A 71 -15.40 9.79 22.28
C LEU A 71 -16.43 8.87 22.93
N GLU A 72 -16.97 9.30 24.07
CA GLU A 72 -17.94 8.52 24.84
C GLU A 72 -19.22 8.23 24.07
N LYS A 73 -19.76 9.26 23.40
CA LYS A 73 -20.90 9.11 22.51
C LYS A 73 -20.57 8.24 21.29
N LEU A 74 -19.39 8.47 20.69
CA LEU A 74 -18.96 7.75 19.49
C LEU A 74 -18.66 6.27 19.72
N LEU A 75 -18.63 5.85 20.98
CA LEU A 75 -18.49 4.43 21.30
C LEU A 75 -19.74 3.62 20.89
N GLU A 76 -20.37 4.04 19.79
CA GLU A 76 -21.37 3.26 19.04
C GLU A 76 -20.63 2.08 18.41
N GLN A 77 -19.79 1.44 19.22
CA GLN A 77 -18.83 0.45 18.79
C GLN A 77 -19.32 -0.92 19.23
N LEU A 78 -18.61 -1.96 18.80
CA LEU A 78 -18.84 -3.31 19.27
C LEU A 78 -17.88 -3.67 20.42
N ASN A 79 -17.11 -2.68 20.86
CA ASN A 79 -16.12 -2.86 21.92
C ASN A 79 -16.75 -3.10 23.30
N GLN A 80 -16.35 -4.21 23.93
CA GLN A 80 -16.94 -4.64 25.21
C GLN A 80 -16.68 -3.67 26.37
N PRO A 81 -15.41 -3.53 26.80
CA PRO A 81 -15.17 -2.49 27.80
C PRO A 81 -15.01 -1.13 27.11
N GLU A 82 -16.12 -0.40 26.99
CA GLU A 82 -16.13 0.93 26.39
C GLU A 82 -15.29 1.94 27.19
N ALA A 83 -14.36 1.39 27.99
CA ALA A 83 -13.33 2.17 28.64
C ALA A 83 -12.18 2.37 27.65
N HIS A 84 -10.96 2.34 28.15
CA HIS A 84 -9.76 2.58 27.34
C HIS A 84 -9.79 3.94 26.70
N LEU A 85 -10.01 4.95 27.53
CA LEU A 85 -9.98 6.36 27.13
C LEU A 85 -8.93 7.07 27.96
N TYR A 86 -7.91 7.60 27.29
CA TYR A 86 -6.79 8.24 27.98
C TYR A 86 -6.53 9.64 27.46
N GLN A 87 -6.31 10.57 28.40
CA GLN A 87 -5.97 11.94 28.05
C GLN A 87 -4.46 12.04 27.79
N ILE A 88 -4.11 12.35 26.54
CA ILE A 88 -2.72 12.48 26.15
C ILE A 88 -2.51 13.70 25.24
N ASP A 89 -1.81 14.69 25.75
CA ASP A 89 -1.40 15.86 24.97
C ASP A 89 0.07 15.65 24.59
N VAL A 90 0.31 15.45 23.30
CA VAL A 90 1.63 15.03 22.79
C VAL A 90 2.74 16.09 22.91
N GLN A 91 2.35 17.30 23.34
CA GLN A 91 3.32 18.37 23.66
C GLN A 91 4.07 18.07 24.96
N SER A 92 3.45 17.30 25.84
CA SER A 92 4.05 16.92 27.11
C SER A 92 4.64 15.51 27.06
N ASP A 93 5.95 15.41 27.29
CA ASP A 93 6.63 14.12 27.43
C ASP A 93 5.96 13.31 28.54
N GLU A 94 5.77 13.96 29.68
CA GLU A 94 5.10 13.40 30.85
C GLU A 94 3.82 12.65 30.50
N GLU A 95 2.92 13.33 29.80
CA GLU A 95 1.61 12.77 29.43
C GLU A 95 1.68 11.55 28.51
N VAL A 96 2.61 11.56 27.55
CA VAL A 96 2.75 10.42 26.63
C VAL A 96 3.42 9.21 27.32
N ILE A 97 4.41 9.50 28.17
CA ILE A 97 5.08 8.46 28.95
C ILE A 97 4.11 7.86 29.96
N ASN A 98 3.50 8.71 30.80
CA ASN A 98 2.50 8.26 31.78
C ASN A 98 1.30 7.60 31.10
N GLY A 99 0.86 8.19 29.99
CA GLY A 99 -0.28 7.68 29.22
C GLY A 99 -0.10 6.26 28.74
N PHE A 100 1.05 5.97 28.14
CA PHE A 100 1.34 4.63 27.61
C PHE A 100 1.71 3.63 28.69
N GLU A 101 2.27 4.11 29.80
CA GLU A 101 2.51 3.26 30.97
C GLU A 101 1.17 2.77 31.53
N GLN A 102 0.19 3.66 31.56
CA GLN A 102 -1.15 3.35 32.06
C GLN A 102 -1.88 2.37 31.14
N ILE A 103 -1.72 2.52 29.83
CA ILE A 103 -2.30 1.61 28.85
C ILE A 103 -1.83 0.17 29.08
N GLY A 104 -0.51 0.01 29.19
CA GLY A 104 0.11 -1.30 29.42
C GLY A 104 -0.38 -2.02 30.65
N LYS A 105 -0.51 -1.30 31.76
CA LYS A 105 -0.93 -1.92 33.02
C LYS A 105 -2.45 -2.17 33.09
N ASP A 106 -3.23 -1.38 32.35
CA ASP A 106 -4.68 -1.56 32.28
C ASP A 106 -5.11 -2.59 31.22
N VAL A 107 -4.45 -2.57 30.07
CA VAL A 107 -4.87 -3.35 28.90
C VAL A 107 -3.89 -4.48 28.56
N GLY A 108 -2.63 -4.30 28.92
CA GLY A 108 -1.57 -5.25 28.54
C GLY A 108 -0.79 -4.67 27.38
N ASN A 109 0.07 -5.48 26.79
CA ASN A 109 0.85 -5.01 25.65
C ASN A 109 0.05 -5.01 24.35
N ILE A 110 0.39 -4.11 23.43
CA ILE A 110 -0.44 -3.83 22.26
C ILE A 110 0.13 -4.41 20.96
N ASP A 111 -0.60 -4.22 19.87
CA ASP A 111 -0.20 -4.74 18.56
C ASP A 111 0.08 -3.65 17.54
N GLY A 112 -0.44 -2.45 17.79
CA GLY A 112 -0.21 -1.31 16.91
C GLY A 112 -0.73 0.03 17.41
N VAL A 113 -0.36 1.09 16.71
CA VAL A 113 -0.79 2.45 17.02
C VAL A 113 -1.17 3.17 15.73
N TYR A 114 -2.35 3.79 15.73
CA TYR A 114 -2.72 4.67 14.63
C TYR A 114 -2.59 6.13 15.05
N HIS A 115 -1.74 6.85 14.34
CA HIS A 115 -1.44 8.24 14.62
C HIS A 115 -2.19 9.14 13.68
N SER A 116 -3.05 9.97 14.24
CA SER A 116 -3.92 10.85 13.48
C SER A 116 -3.98 12.21 14.16
N ILE A 117 -2.80 12.78 14.40
CA ILE A 117 -2.65 14.03 15.14
C ILE A 117 -1.83 15.04 14.34
N ALA A 118 -2.38 16.25 14.18
CA ALA A 118 -1.67 17.37 13.57
C ALA A 118 -2.23 18.69 14.08
N PHE A 119 -1.37 19.71 14.12
CA PHE A 119 -1.80 21.06 14.46
C PHE A 119 -0.89 22.14 13.89
N ALA A 120 -1.52 23.21 13.42
CA ALA A 120 -0.86 24.45 13.08
C ALA A 120 -1.84 25.56 13.38
N ASN A 121 -1.33 26.75 13.70
CA ASN A 121 -2.16 27.93 13.84
C ASN A 121 -2.76 28.30 12.48
N MET A 122 -4.05 28.60 12.48
CA MET A 122 -4.78 28.93 11.25
C MET A 122 -4.20 30.11 10.47
N GLU A 123 -3.70 31.11 11.19
CA GLU A 123 -3.06 32.28 10.57
C GLU A 123 -1.91 31.93 9.63
N ASP A 124 -1.30 30.77 9.85
CA ASP A 124 -0.15 30.33 9.05
C ASP A 124 -0.54 29.61 7.75
N LEU A 125 -1.83 29.57 7.47
CA LEU A 125 -2.34 28.89 6.27
C LEU A 125 -3.21 29.80 5.40
N ARG A 126 -3.07 31.12 5.57
CA ARG A 126 -4.02 32.06 4.97
C ARG A 126 -3.57 32.95 3.78
N GLY A 127 -2.34 33.46 3.79
CA GLY A 127 -1.27 33.14 4.73
C GLY A 127 -0.01 32.96 3.90
N ARG A 128 0.96 33.85 4.12
CA ARG A 128 2.16 33.88 3.29
C ARG A 128 3.27 33.09 3.99
N PHE A 129 3.77 32.05 3.32
CA PHE A 129 4.71 31.10 3.94
C PHE A 129 5.99 31.74 4.46
N SER A 130 6.55 32.66 3.69
CA SER A 130 7.77 33.38 4.08
C SER A 130 7.61 34.23 5.34
N GLU A 131 6.37 34.45 5.77
CA GLU A 131 6.06 35.24 6.97
C GLU A 131 5.92 34.40 8.23
N THR A 132 5.97 33.07 8.08
CA THR A 132 5.85 32.14 9.20
C THR A 132 6.85 32.46 10.31
N SER A 133 6.32 32.63 11.53
CA SER A 133 7.16 32.84 12.71
C SER A 133 7.79 31.53 13.17
N ARG A 134 8.90 31.66 13.88
CA ARG A 134 9.64 30.53 14.45
C ARG A 134 8.74 29.64 15.31
N GLU A 135 8.04 30.25 16.27
CA GLU A 135 7.13 29.57 17.17
C GLU A 135 6.00 28.85 16.41
N GLY A 136 5.50 29.47 15.35
CA GLY A 136 4.48 28.85 14.50
C GLY A 136 5.03 27.66 13.73
N PHE A 137 6.30 27.77 13.33
CA PHE A 137 6.98 26.68 12.62
C PHE A 137 7.23 25.49 13.55
N LEU A 138 7.76 25.77 14.74
CA LEU A 138 8.13 24.75 15.70
C LEU A 138 6.93 24.03 16.33
N LEU A 139 5.83 24.77 16.51
CA LEU A 139 4.59 24.20 17.04
C LEU A 139 4.08 23.08 16.14
N ALA A 140 3.98 23.37 14.85
CA ALA A 140 3.57 22.38 13.86
C ALA A 140 4.52 21.18 13.82
N GLN A 141 5.82 21.45 13.79
CA GLN A 141 6.83 20.40 13.86
C GLN A 141 6.65 19.53 15.11
N ASP A 142 6.52 20.19 16.26
CA ASP A 142 6.38 19.51 17.56
C ASP A 142 5.20 18.55 17.64
N ILE A 143 4.01 19.02 17.26
CA ILE A 143 2.79 18.23 17.37
C ILE A 143 2.55 17.28 16.18
N SER A 144 2.91 17.71 14.97
CA SER A 144 2.59 16.95 13.76
C SER A 144 3.65 15.92 13.37
N SER A 145 4.89 16.13 13.81
CA SER A 145 5.99 15.25 13.40
C SER A 145 6.70 14.57 14.56
N TYR A 146 7.25 15.36 15.49
CA TYR A 146 7.96 14.78 16.64
C TYR A 146 7.08 13.87 17.50
N SER A 147 5.79 14.18 17.57
CA SER A 147 4.85 13.37 18.33
C SER A 147 4.92 11.89 17.95
N LEU A 148 5.11 11.60 16.65
CA LEU A 148 5.27 10.21 16.19
C LEU A 148 6.48 9.55 16.83
N THR A 149 7.60 10.26 16.85
CA THR A 149 8.86 9.74 17.40
C THR A 149 8.70 9.30 18.86
N ILE A 150 8.12 10.18 19.69
CA ILE A 150 7.93 9.89 21.12
C ILE A 150 6.84 8.84 21.36
N VAL A 151 5.76 8.91 20.59
CA VAL A 151 4.70 7.91 20.66
C VAL A 151 5.24 6.52 20.27
N ALA A 152 6.05 6.48 19.22
CA ALA A 152 6.71 5.23 18.80
C ALA A 152 7.62 4.67 19.90
N HIS A 153 8.37 5.55 20.55
CA HIS A 153 9.26 5.15 21.65
C HIS A 153 8.52 4.51 22.79
N GLU A 154 7.41 5.12 23.19
CA GLU A 154 6.60 4.59 24.30
C GLU A 154 5.83 3.35 23.88
N ALA A 155 5.32 3.37 22.65
CA ALA A 155 4.56 2.25 22.09
C ALA A 155 5.41 0.99 21.95
N LYS A 156 6.70 1.16 21.67
CA LYS A 156 7.63 0.05 21.52
C LYS A 156 7.70 -0.81 22.80
N LYS A 157 7.74 -0.14 23.95
CA LYS A 157 7.77 -0.80 25.26
C LYS A 157 6.64 -1.80 25.46
N LEU A 158 5.52 -1.58 24.77
CA LEU A 158 4.35 -2.45 24.87
C LEU A 158 4.20 -3.37 23.66
N MET A 159 5.24 -3.48 22.83
CA MET A 159 5.22 -4.38 21.67
C MET A 159 6.43 -5.30 21.69
N PRO A 160 6.48 -6.23 22.67
CA PRO A 160 7.68 -7.07 22.81
C PRO A 160 7.85 -8.09 21.67
N GLU A 161 6.73 -8.51 21.07
CA GLU A 161 6.75 -9.43 19.93
C GLU A 161 6.79 -8.68 18.59
N GLY A 162 6.67 -7.36 18.65
CA GLY A 162 6.64 -6.53 17.45
C GLY A 162 5.27 -5.92 17.20
N GLY A 163 5.12 -5.23 16.06
CA GLY A 163 3.86 -4.59 15.73
C GLY A 163 3.91 -3.65 14.55
N SER A 164 2.91 -2.76 14.47
CA SER A 164 2.76 -1.88 13.33
C SER A 164 2.28 -0.48 13.71
N ILE A 165 3.02 0.53 13.25
CA ILE A 165 2.68 1.92 13.55
C ILE A 165 2.35 2.66 12.26
N VAL A 166 1.19 3.33 12.23
CA VAL A 166 0.71 4.04 11.05
C VAL A 166 0.45 5.50 11.37
N ALA A 167 0.91 6.38 10.48
CA ALA A 167 0.70 7.83 10.63
C ALA A 167 -0.08 8.38 9.45
N THR A 168 -0.88 9.41 9.70
CA THR A 168 -1.67 10.04 8.64
C THR A 168 -0.95 11.27 8.10
N THR A 169 -0.72 11.28 6.79
CA THR A 169 -0.08 12.42 6.16
C THR A 169 -0.90 12.92 4.98
N TYR A 170 -0.40 13.96 4.31
CA TYR A 170 -1.09 14.58 3.19
C TYR A 170 -0.09 14.90 2.08
N LEU A 171 -0.61 15.02 0.87
CA LEU A 171 0.15 15.32 -0.34
C LEU A 171 1.01 16.58 -0.23
N GLY A 172 0.59 17.51 0.64
CA GLY A 172 1.32 18.75 0.89
C GLY A 172 2.73 18.59 1.44
N GLY A 173 3.03 17.40 1.96
CA GLY A 173 4.38 17.07 2.41
C GLY A 173 5.35 16.73 1.28
N GLU A 174 4.82 16.43 0.10
CA GLU A 174 5.64 16.05 -1.04
C GLU A 174 5.77 17.18 -2.07
N PHE A 175 4.67 17.91 -2.26
CA PHE A 175 4.62 19.00 -3.22
C PHE A 175 4.12 20.24 -2.51
N ALA A 176 4.48 21.41 -3.03
CA ALA A 176 3.99 22.68 -2.49
C ALA A 176 2.53 22.89 -2.90
N VAL A 177 1.63 22.72 -1.94
CA VAL A 177 0.19 22.90 -2.16
C VAL A 177 -0.23 24.27 -1.60
N GLN A 178 -0.99 25.01 -2.40
CA GLN A 178 -1.50 26.33 -2.03
C GLN A 178 -2.09 26.37 -0.62
N ASN A 179 -1.70 27.37 0.14
CA ASN A 179 -2.20 27.63 1.51
C ASN A 179 -1.75 26.67 2.60
N TYR A 180 -1.36 25.45 2.22
CA TYR A 180 -0.96 24.42 3.20
C TYR A 180 0.30 24.81 3.99
N ASN A 181 1.22 25.50 3.33
CA ASN A 181 2.34 26.19 3.97
C ASN A 181 3.09 25.41 5.05
N VAL A 182 2.97 25.85 6.30
CA VAL A 182 3.73 25.30 7.42
C VAL A 182 3.40 23.83 7.74
N MET A 183 2.17 23.43 7.45
CA MET A 183 1.76 22.04 7.65
C MET A 183 2.42 21.13 6.61
N GLY A 184 2.66 21.68 5.42
CA GLY A 184 3.37 20.96 4.37
C GLY A 184 4.79 20.59 4.77
N VAL A 185 5.46 21.52 5.44
CA VAL A 185 6.81 21.28 5.96
C VAL A 185 6.74 20.29 7.13
N ALA A 186 5.71 20.40 7.96
CA ALA A 186 5.50 19.44 9.06
C ALA A 186 5.21 18.03 8.54
N LYS A 187 4.50 17.93 7.41
CA LYS A 187 4.18 16.63 6.80
C LYS A 187 5.41 15.98 6.17
N ALA A 188 6.22 16.80 5.49
CA ALA A 188 7.49 16.34 4.91
C ALA A 188 8.40 15.76 5.99
N SER A 189 8.45 16.47 7.12
CA SER A 189 9.20 16.05 8.29
C SER A 189 8.66 14.72 8.85
N LEU A 190 7.33 14.64 8.99
CA LEU A 190 6.65 13.44 9.44
C LEU A 190 6.90 12.22 8.54
N GLU A 191 6.90 12.43 7.22
CA GLU A 191 7.17 11.33 6.28
C GLU A 191 8.59 10.78 6.41
N ALA A 192 9.55 11.69 6.57
CA ALA A 192 10.94 11.30 6.81
C ALA A 192 11.09 10.64 8.18
N ASN A 193 10.34 11.13 9.16
CA ASN A 193 10.24 10.55 10.50
C ASN A 193 9.81 9.08 10.42
N VAL A 194 8.81 8.81 9.59
CA VAL A 194 8.33 7.45 9.34
C VAL A 194 9.45 6.55 8.84
N LYS A 195 10.24 7.05 7.89
CA LYS A 195 11.34 6.28 7.27
C LYS A 195 12.46 5.99 8.28
N TYR A 196 12.84 7.00 9.05
CA TYR A 196 13.86 6.84 10.08
C TYR A 196 13.41 5.97 11.25
N LEU A 197 12.12 6.03 11.59
CA LEU A 197 11.56 5.10 12.58
C LEU A 197 11.53 3.66 12.05
N ALA A 198 11.25 3.50 10.76
CA ALA A 198 11.18 2.18 10.13
C ALA A 198 12.53 1.48 10.18
N LEU A 199 13.59 2.22 9.87
CA LEU A 199 14.96 1.72 9.93
C LEU A 199 15.39 1.37 11.36
N ASP A 200 15.02 2.23 12.31
CA ASP A 200 15.41 2.02 13.71
C ASP A 200 14.63 0.88 14.39
N LEU A 201 13.33 0.83 14.17
CA LEU A 201 12.44 -0.13 14.84
C LEU A 201 12.27 -1.46 14.11
N GLY A 202 12.76 -1.52 12.87
CA GLY A 202 12.74 -2.74 12.07
C GLY A 202 13.30 -3.99 12.76
N PRO A 203 14.52 -3.89 13.32
CA PRO A 203 15.11 -5.01 14.05
C PRO A 203 14.24 -5.56 15.20
N ASP A 204 13.38 -4.70 15.75
CA ASP A 204 12.44 -5.12 16.80
C ASP A 204 11.16 -5.72 16.23
N ASN A 205 11.11 -5.83 14.89
CA ASN A 205 9.91 -6.29 14.16
C ASN A 205 8.72 -5.33 14.32
N ILE A 206 9.03 -4.03 14.38
CA ILE A 206 8.01 -3.01 14.38
C ILE A 206 8.06 -2.26 13.05
N ARG A 207 6.96 -2.34 12.30
CA ARG A 207 6.87 -1.71 10.99
C ARG A 207 6.24 -0.33 11.13
N VAL A 208 6.79 0.64 10.40
CA VAL A 208 6.26 2.00 10.45
C VAL A 208 5.92 2.45 9.03
N ASN A 209 4.66 2.84 8.83
CA ASN A 209 4.17 3.29 7.52
C ASN A 209 3.32 4.55 7.63
N ALA A 210 3.01 5.16 6.48
CA ALA A 210 2.10 6.30 6.44
C ALA A 210 0.97 6.11 5.45
N ILE A 211 -0.16 6.75 5.75
CA ILE A 211 -1.26 6.87 4.80
C ILE A 211 -1.35 8.34 4.38
N SER A 212 -1.26 8.58 3.08
CA SER A 212 -1.46 9.93 2.55
C SER A 212 -2.90 10.03 2.05
N ALA A 213 -3.78 10.50 2.93
CA ALA A 213 -5.20 10.59 2.65
C ALA A 213 -5.50 11.78 1.74
N GLY A 214 -6.47 11.60 0.85
CA GLY A 214 -7.01 12.71 0.07
C GLY A 214 -7.80 13.63 0.98
N PRO A 215 -8.17 14.82 0.49
CA PRO A 215 -8.89 15.80 1.32
C PRO A 215 -10.29 15.31 1.73
N ILE A 216 -10.63 15.51 3.01
CA ILE A 216 -11.91 15.07 3.58
C ILE A 216 -12.44 16.19 4.49
N ARG A 217 -13.76 16.43 4.42
CA ARG A 217 -14.41 17.44 5.26
C ARG A 217 -14.44 17.00 6.73
N THR A 218 -13.44 17.44 7.49
CA THR A 218 -13.31 17.09 8.90
C THR A 218 -13.25 18.36 9.72
N LEU A 219 -13.18 18.22 11.05
CA LEU A 219 -13.09 19.36 11.97
C LEU A 219 -11.92 20.27 11.59
N SER A 220 -10.82 19.67 11.14
CA SER A 220 -9.63 20.42 10.73
C SER A 220 -9.78 21.15 9.38
N ALA A 221 -10.77 20.75 8.58
CA ALA A 221 -11.10 21.48 7.35
C ALA A 221 -11.88 22.77 7.61
N LYS A 222 -12.30 22.96 8.87
CA LYS A 222 -13.01 24.17 9.27
C LYS A 222 -12.04 25.35 9.37
N GLY A 223 -12.41 26.48 8.76
CA GLY A 223 -11.55 27.66 8.73
C GLY A 223 -10.80 27.78 7.43
N VAL A 224 -10.52 26.63 6.80
CA VAL A 224 -9.82 26.58 5.52
C VAL A 224 -10.77 27.02 4.40
N GLY A 225 -10.56 28.23 3.90
CA GLY A 225 -11.40 28.81 2.86
C GLY A 225 -11.19 28.15 1.52
N GLY A 226 -12.25 28.11 0.70
CA GLY A 226 -12.21 27.47 -0.61
C GLY A 226 -11.94 25.98 -0.55
N PHE A 227 -12.40 25.33 0.53
CA PHE A 227 -12.22 23.90 0.71
C PHE A 227 -13.05 23.09 -0.29
N ASN A 228 -14.21 23.63 -0.67
CA ASN A 228 -15.06 22.99 -1.66
C ASN A 228 -14.39 22.97 -3.04
N THR A 229 -13.66 24.05 -3.35
CA THR A 229 -12.94 24.19 -4.62
C THR A 229 -11.92 23.07 -4.82
N ILE A 230 -11.20 22.71 -3.76
CA ILE A 230 -10.22 21.63 -3.85
C ILE A 230 -10.84 20.23 -3.94
N LEU A 231 -11.99 20.03 -3.30
CA LEU A 231 -12.76 18.78 -3.42
C LEU A 231 -13.38 18.64 -4.82
N LYS A 232 -13.77 19.78 -5.39
CA LYS A 232 -14.26 19.88 -6.76
C LYS A 232 -13.20 19.44 -7.76
N GLU A 233 -11.96 19.86 -7.52
CA GLU A 233 -10.83 19.52 -8.39
C GLU A 233 -10.52 18.02 -8.37
N ILE A 234 -10.56 17.42 -7.18
CA ILE A 234 -10.38 15.97 -7.02
C ILE A 234 -11.45 15.22 -7.83
N GLU A 235 -12.71 15.60 -7.62
CA GLU A 235 -13.84 15.01 -8.34
C GLU A 235 -13.64 15.08 -9.86
N GLU A 236 -13.01 16.15 -10.33
CA GLU A 236 -12.91 16.41 -11.76
C GLU A 236 -11.60 15.97 -12.43
N ARG A 237 -10.56 15.74 -11.63
CA ARG A 237 -9.23 15.46 -12.20
C ARG A 237 -8.64 14.12 -11.80
N ALA A 238 -8.97 13.63 -10.61
CA ALA A 238 -8.47 12.36 -10.11
C ALA A 238 -8.95 11.18 -10.96
N PRO A 239 -8.09 10.15 -11.14
CA PRO A 239 -8.43 8.95 -11.90
C PRO A 239 -9.82 8.36 -11.56
N LEU A 240 -10.14 8.25 -10.27
CA LEU A 240 -11.43 7.70 -9.84
C LEU A 240 -12.61 8.67 -9.97
N LYS A 241 -12.31 9.95 -10.16
CA LYS A 241 -13.32 11.00 -10.35
C LYS A 241 -14.27 11.16 -9.15
N ARG A 242 -13.79 10.77 -7.98
CA ARG A 242 -14.56 10.88 -6.73
C ARG A 242 -13.63 11.11 -5.55
N ASN A 243 -14.16 11.75 -4.51
CA ASN A 243 -13.42 11.95 -3.28
C ASN A 243 -13.43 10.68 -2.44
N VAL A 244 -12.48 10.60 -1.51
CA VAL A 244 -12.39 9.47 -0.59
C VAL A 244 -13.05 9.83 0.74
N ASP A 245 -13.38 8.80 1.53
CA ASP A 245 -13.92 9.04 2.87
C ASP A 245 -13.10 8.36 3.97
N GLN A 246 -13.46 8.64 5.21
CA GLN A 246 -12.74 8.17 6.39
C GLN A 246 -12.57 6.65 6.44
N VAL A 247 -13.60 5.92 6.01
CA VAL A 247 -13.57 4.46 6.10
C VAL A 247 -12.63 3.82 5.07
N GLU A 248 -12.39 4.51 3.95
CA GLU A 248 -11.42 4.04 2.95
C GLU A 248 -9.99 4.08 3.52
N VAL A 249 -9.67 5.18 4.21
CA VAL A 249 -8.42 5.29 4.98
C VAL A 249 -8.39 4.17 6.03
N GLY A 250 -9.53 3.94 6.69
CA GLY A 250 -9.67 2.88 7.69
C GLY A 250 -9.36 1.48 7.19
N LYS A 251 -9.75 1.18 5.95
CA LYS A 251 -9.50 -0.14 5.35
C LYS A 251 -8.02 -0.36 4.99
N THR A 252 -7.36 0.69 4.49
CA THR A 252 -5.92 0.65 4.29
C THR A 252 -5.20 0.62 5.64
N ALA A 253 -5.71 1.35 6.63
CA ALA A 253 -5.15 1.31 7.98
C ALA A 253 -5.18 -0.12 8.53
N ALA A 254 -6.29 -0.83 8.30
CA ALA A 254 -6.41 -2.24 8.69
C ALA A 254 -5.38 -3.12 7.98
N TYR A 255 -5.17 -2.86 6.69
CA TYR A 255 -4.12 -3.54 5.93
C TYR A 255 -2.72 -3.30 6.52
N LEU A 256 -2.43 -2.05 6.89
CA LEU A 256 -1.12 -1.72 7.44
C LEU A 256 -0.92 -2.19 8.88
N LEU A 257 -1.98 -2.15 9.70
CA LEU A 257 -1.89 -2.58 11.09
C LEU A 257 -1.85 -4.11 11.27
N SER A 258 -2.13 -4.85 10.20
CA SER A 258 -2.17 -6.31 10.27
C SER A 258 -0.98 -6.95 9.56
N ASP A 259 -0.87 -8.27 9.69
CA ASP A 259 0.17 -9.08 9.05
C ASP A 259 -0.03 -9.30 7.55
N LEU A 260 -1.07 -8.67 7.00
CA LEU A 260 -1.31 -8.71 5.57
C LEU A 260 -0.28 -7.84 4.86
N SER A 261 0.27 -6.86 5.59
CA SER A 261 1.29 -5.95 5.07
C SER A 261 2.66 -6.29 5.65
N SER A 262 2.91 -7.59 5.77
CA SER A 262 4.05 -8.14 6.53
C SER A 262 5.43 -7.68 6.04
N GLY A 263 5.60 -7.55 4.73
CA GLY A 263 6.90 -7.15 4.17
C GLY A 263 7.02 -5.68 3.84
N VAL A 264 6.13 -4.87 4.41
CA VAL A 264 5.98 -3.46 4.05
C VAL A 264 6.29 -2.51 5.22
N THR A 265 7.35 -1.71 5.07
CA THR A 265 7.69 -0.68 6.05
C THR A 265 8.38 0.51 5.37
N GLY A 266 8.33 1.66 6.02
CA GLY A 266 8.88 2.91 5.47
C GLY A 266 8.11 3.44 4.26
N GLU A 267 6.90 2.93 4.08
CA GLU A 267 6.08 3.19 2.90
C GLU A 267 5.04 4.27 3.16
N ASN A 268 4.66 4.97 2.10
CA ASN A 268 3.58 5.96 2.14
C ASN A 268 2.50 5.56 1.15
N ILE A 269 1.34 5.14 1.64
CA ILE A 269 0.24 4.73 0.77
C ILE A 269 -0.80 5.83 0.55
N HIS A 270 -1.04 6.16 -0.71
CA HIS A 270 -1.98 7.21 -1.08
C HIS A 270 -3.37 6.67 -1.22
N VAL A 271 -4.25 7.10 -0.31
CA VAL A 271 -5.67 6.80 -0.38
C VAL A 271 -6.33 8.12 -0.76
N ASP A 272 -6.36 8.37 -2.07
CA ASP A 272 -6.65 9.70 -2.59
C ASP A 272 -7.25 9.67 -3.99
N SER A 273 -7.78 8.51 -4.38
CA SER A 273 -8.35 8.30 -5.72
C SER A 273 -7.35 8.43 -6.87
N GLY A 274 -6.07 8.28 -6.56
CA GLY A 274 -5.00 8.33 -7.56
C GLY A 274 -4.51 9.72 -7.91
N PHE A 275 -4.94 10.72 -7.15
CA PHE A 275 -4.59 12.12 -7.42
C PHE A 275 -3.09 12.39 -7.34
N HIS A 276 -2.39 11.68 -6.47
CA HIS A 276 -0.93 11.75 -6.40
C HIS A 276 -0.24 11.44 -7.70
N ALA A 277 -0.86 10.59 -8.51
CA ALA A 277 -0.27 10.07 -9.74
C ALA A 277 -0.42 10.96 -10.98
N ILE A 278 -1.31 11.96 -10.91
CA ILE A 278 -1.57 12.84 -12.05
C ILE A 278 -0.78 14.15 -11.99
N LYS A 279 -0.74 14.85 -13.13
CA LYS A 279 0.02 16.09 -13.32
C LYS A 279 0.27 16.92 -12.06
N ASN B 26 -13.49 -11.98 2.66
CA ASN B 26 -14.64 -12.49 1.85
C ASN B 26 -14.19 -13.24 0.60
N LEU B 27 -14.27 -12.59 -0.57
CA LEU B 27 -13.69 -13.11 -1.82
C LEU B 27 -14.24 -14.44 -2.37
N GLU B 28 -15.20 -15.04 -1.66
CA GLU B 28 -15.81 -16.31 -2.10
C GLU B 28 -16.46 -16.24 -3.48
N ASN B 29 -17.04 -15.10 -3.81
CA ASN B 29 -17.71 -14.90 -5.11
C ASN B 29 -16.92 -13.98 -6.04
N LYS B 30 -15.60 -14.05 -5.93
CA LYS B 30 -14.69 -13.27 -6.76
C LYS B 30 -13.86 -14.17 -7.69
N THR B 31 -13.56 -13.66 -8.89
CA THR B 31 -12.75 -14.39 -9.86
C THR B 31 -11.57 -13.54 -10.34
N TYR B 32 -10.37 -14.10 -10.22
CA TYR B 32 -9.16 -13.40 -10.64
C TYR B 32 -8.38 -14.18 -11.68
N VAL B 33 -7.82 -13.45 -12.65
CA VAL B 33 -6.90 -14.01 -13.62
C VAL B 33 -5.46 -13.82 -13.14
N ILE B 34 -4.70 -14.90 -13.10
CA ILE B 34 -3.30 -14.88 -12.68
C ILE B 34 -2.41 -15.25 -13.85
N MET B 35 -1.59 -14.29 -14.27
CA MET B 35 -0.71 -14.46 -15.41
C MET B 35 0.73 -14.54 -14.95
N GLY B 36 1.45 -15.56 -15.40
CA GLY B 36 2.88 -15.68 -15.13
C GLY B 36 3.31 -16.65 -14.05
N ILE B 37 2.79 -17.88 -14.10
CA ILE B 37 3.28 -18.95 -13.22
C ILE B 37 4.11 -19.93 -14.03
N ALA B 38 5.38 -20.11 -13.64
CA ALA B 38 6.28 -21.06 -14.28
C ALA B 38 6.48 -22.33 -13.45
N ASN B 39 6.65 -22.16 -12.14
CA ASN B 39 6.78 -23.27 -11.20
C ASN B 39 6.46 -22.90 -9.74
N LYS B 40 6.82 -23.78 -8.81
CA LYS B 40 6.50 -23.64 -7.38
C LYS B 40 7.04 -22.36 -6.74
N ARG B 41 8.09 -21.79 -7.34
CA ARG B 41 8.76 -20.64 -6.76
C ARG B 41 8.32 -19.30 -7.36
N SER B 42 7.54 -19.34 -8.44
CA SER B 42 7.00 -18.12 -9.06
C SER B 42 6.32 -17.24 -8.03
N ILE B 43 6.54 -15.93 -8.13
CA ILE B 43 5.85 -14.95 -7.27
C ILE B 43 4.33 -15.08 -7.41
N ALA B 44 3.87 -15.39 -8.62
CA ALA B 44 2.44 -15.49 -8.92
C ALA B 44 1.77 -16.74 -8.32
N PHE B 45 2.58 -17.74 -7.96
CA PHE B 45 2.06 -18.88 -7.23
C PHE B 45 1.84 -18.52 -5.75
N GLY B 46 2.67 -17.61 -5.24
CA GLY B 46 2.44 -17.01 -3.91
C GLY B 46 1.13 -16.26 -3.88
N VAL B 47 0.84 -15.53 -4.95
CA VAL B 47 -0.44 -14.81 -5.08
C VAL B 47 -1.61 -15.79 -5.11
N ALA B 48 -1.56 -16.79 -5.99
CA ALA B 48 -2.61 -17.81 -6.10
C ALA B 48 -2.87 -18.48 -4.75
N LYS B 49 -1.79 -18.88 -4.07
CA LYS B 49 -1.84 -19.51 -2.76
C LYS B 49 -2.73 -18.72 -1.81
N VAL B 50 -2.54 -17.40 -1.79
CA VAL B 50 -3.26 -16.52 -0.89
C VAL B 50 -4.72 -16.37 -1.30
N LEU B 51 -4.95 -16.04 -2.57
CA LEU B 51 -6.30 -15.85 -3.09
C LEU B 51 -7.18 -17.09 -2.94
N ASP B 52 -6.56 -18.27 -3.11
CA ASP B 52 -7.25 -19.55 -2.98
C ASP B 52 -7.69 -19.81 -1.54
N GLN B 53 -6.83 -19.45 -0.59
CA GLN B 53 -7.16 -19.53 0.83
C GLN B 53 -8.35 -18.61 1.16
N LEU B 54 -8.46 -17.50 0.43
CA LEU B 54 -9.54 -16.55 0.61
C LEU B 54 -10.85 -16.93 -0.10
N GLY B 55 -10.85 -18.09 -0.77
CA GLY B 55 -12.07 -18.64 -1.37
C GLY B 55 -12.37 -18.16 -2.77
N ALA B 56 -11.40 -17.46 -3.38
CA ALA B 56 -11.56 -16.94 -4.73
C ALA B 56 -11.50 -18.03 -5.80
N LYS B 57 -12.19 -17.82 -6.90
CA LYS B 57 -12.04 -18.67 -8.08
C LYS B 57 -10.90 -18.10 -8.91
N LEU B 58 -10.02 -18.97 -9.37
CA LEU B 58 -8.81 -18.54 -10.05
C LEU B 58 -8.70 -19.06 -11.48
N VAL B 59 -8.33 -18.16 -12.38
CA VAL B 59 -8.05 -18.46 -13.77
C VAL B 59 -6.55 -18.21 -14.01
N PHE B 60 -5.86 -19.16 -14.63
CA PHE B 60 -4.43 -19.05 -14.89
C PHE B 60 -4.11 -18.98 -16.37
N THR B 61 -3.09 -18.20 -16.73
CA THR B 61 -2.59 -18.19 -18.11
C THR B 61 -1.12 -18.62 -18.13
N TYR B 62 -0.71 -19.25 -19.23
CA TYR B 62 0.65 -19.76 -19.40
C TYR B 62 1.09 -19.56 -20.85
N ARG B 63 2.40 -19.53 -21.07
CA ARG B 63 2.93 -19.51 -22.44
C ARG B 63 3.48 -20.88 -22.86
N LYS B 64 4.39 -21.43 -22.05
CA LYS B 64 5.04 -22.70 -22.38
C LYS B 64 4.19 -23.89 -21.97
N GLU B 65 4.21 -24.93 -22.80
CA GLU B 65 3.51 -26.18 -22.50
C GLU B 65 4.04 -26.79 -21.21
N ARG B 66 5.34 -26.64 -21.01
CA ARG B 66 6.02 -27.05 -19.79
C ARG B 66 5.48 -26.34 -18.54
N SER B 67 5.04 -25.10 -18.69
CA SER B 67 4.44 -24.34 -17.59
C SER B 67 3.02 -24.81 -17.27
N ARG B 68 2.30 -25.26 -18.29
CA ARG B 68 0.94 -25.80 -18.13
C ARG B 68 0.97 -27.12 -17.34
N LYS B 69 1.97 -27.95 -17.60
CA LYS B 69 2.16 -29.21 -16.87
C LYS B 69 2.45 -28.92 -15.39
N GLU B 70 3.28 -27.91 -15.14
CA GLU B 70 3.55 -27.45 -13.78
C GLU B 70 2.29 -26.95 -13.08
N LEU B 71 1.49 -26.15 -13.79
CA LEU B 71 0.22 -25.64 -13.25
C LEU B 71 -0.70 -26.75 -12.75
N GLU B 72 -0.78 -27.84 -13.52
CA GLU B 72 -1.65 -28.97 -13.18
C GLU B 72 -1.19 -29.71 -11.92
N LYS B 73 0.13 -29.86 -11.75
CA LYS B 73 0.70 -30.39 -10.52
C LYS B 73 0.47 -29.40 -9.39
N LEU B 74 0.80 -28.13 -9.63
CA LEU B 74 0.76 -27.09 -8.61
C LEU B 74 -0.62 -26.88 -8.00
N LEU B 75 -1.66 -27.18 -8.77
CA LEU B 75 -3.04 -27.04 -8.28
C LEU B 75 -3.34 -27.93 -7.06
N GLU B 76 -2.50 -27.77 -6.04
CA GLU B 76 -2.75 -28.23 -4.68
C GLU B 76 -3.52 -27.11 -3.97
N GLN B 77 -4.42 -26.50 -4.72
CA GLN B 77 -5.32 -25.46 -4.25
C GLN B 77 -6.65 -26.09 -3.82
N LEU B 78 -7.64 -25.25 -3.60
CA LEU B 78 -9.00 -25.70 -3.31
C LEU B 78 -9.94 -25.32 -4.45
N ASN B 79 -9.35 -25.05 -5.61
CA ASN B 79 -10.11 -24.81 -6.83
C ASN B 79 -10.56 -26.15 -7.42
N GLN B 80 -11.73 -26.60 -6.99
CA GLN B 80 -12.24 -27.93 -7.31
C GLN B 80 -12.73 -27.99 -8.75
N PRO B 81 -12.65 -29.18 -9.40
CA PRO B 81 -12.64 -29.31 -10.85
C PRO B 81 -12.61 -27.96 -11.59
N GLU B 82 -11.56 -27.20 -11.33
CA GLU B 82 -11.40 -25.87 -11.87
C GLU B 82 -10.49 -25.94 -13.09
N ALA B 83 -9.19 -26.05 -12.82
CA ALA B 83 -8.15 -26.05 -13.85
C ALA B 83 -8.48 -25.13 -15.02
N HIS B 84 -8.71 -23.85 -14.69
CA HIS B 84 -8.95 -22.81 -15.68
C HIS B 84 -7.63 -22.35 -16.24
N LEU B 85 -7.22 -23.01 -17.32
CA LEU B 85 -5.88 -22.82 -17.89
C LEU B 85 -6.00 -22.39 -19.34
N TYR B 86 -5.34 -21.27 -19.66
CA TYR B 86 -5.37 -20.72 -21.02
C TYR B 86 -3.98 -20.35 -21.47
N GLN B 87 -3.64 -20.73 -22.70
CA GLN B 87 -2.33 -20.41 -23.26
C GLN B 87 -2.36 -19.00 -23.86
N ILE B 88 -1.63 -18.08 -23.23
CA ILE B 88 -1.52 -16.70 -23.73
C ILE B 88 -0.05 -16.26 -23.81
N ASP B 89 0.43 -16.08 -25.04
CA ASP B 89 1.72 -15.43 -25.27
C ASP B 89 1.45 -13.96 -25.52
N VAL B 90 1.89 -13.10 -24.60
CA VAL B 90 1.60 -11.67 -24.65
C VAL B 90 2.19 -10.95 -25.88
N GLN B 91 3.18 -11.56 -26.53
CA GLN B 91 3.76 -11.03 -27.76
C GLN B 91 2.77 -11.00 -28.92
N SER B 92 1.74 -11.85 -28.83
CA SER B 92 0.73 -11.96 -29.88
C SER B 92 -0.55 -11.24 -29.49
N ASP B 93 -0.96 -10.29 -30.31
CA ASP B 93 -2.23 -9.59 -30.12
C ASP B 93 -3.40 -10.59 -30.16
N GLU B 94 -3.37 -11.47 -31.16
CA GLU B 94 -4.42 -12.48 -31.35
C GLU B 94 -4.60 -13.38 -30.12
N GLU B 95 -3.49 -13.87 -29.55
CA GLU B 95 -3.53 -14.76 -28.38
C GLU B 95 -4.13 -14.12 -27.12
N VAL B 96 -3.88 -12.83 -26.91
CA VAL B 96 -4.42 -12.15 -25.72
C VAL B 96 -5.92 -11.80 -25.89
N ILE B 97 -6.31 -11.34 -27.08
CA ILE B 97 -7.71 -11.04 -27.36
C ILE B 97 -8.54 -12.33 -27.33
N ASN B 98 -8.08 -13.36 -28.02
CA ASN B 98 -8.77 -14.64 -28.03
C ASN B 98 -8.77 -15.31 -26.65
N GLY B 99 -7.66 -15.17 -25.93
CA GLY B 99 -7.52 -15.71 -24.58
C GLY B 99 -8.56 -15.22 -23.60
N PHE B 100 -8.75 -13.91 -23.55
CA PHE B 100 -9.71 -13.31 -22.62
C PHE B 100 -11.17 -13.46 -23.04
N GLU B 101 -11.39 -13.63 -24.34
CA GLU B 101 -12.72 -13.96 -24.86
C GLU B 101 -13.13 -15.35 -24.39
N GLN B 102 -12.18 -16.29 -24.36
CA GLN B 102 -12.43 -17.64 -23.84
C GLN B 102 -12.65 -17.64 -22.32
N ILE B 103 -11.84 -16.89 -21.59
CA ILE B 103 -12.03 -16.71 -20.15
C ILE B 103 -13.44 -16.18 -19.88
N GLY B 104 -13.79 -15.09 -20.56
CA GLY B 104 -15.12 -14.48 -20.45
C GLY B 104 -16.26 -15.45 -20.72
N LYS B 105 -16.05 -16.30 -21.73
CA LYS B 105 -17.02 -17.33 -22.09
C LYS B 105 -17.17 -18.41 -21.01
N ASP B 106 -16.05 -18.85 -20.44
CA ASP B 106 -16.07 -19.94 -19.45
C ASP B 106 -16.48 -19.52 -18.04
N VAL B 107 -16.09 -18.31 -17.63
CA VAL B 107 -16.35 -17.87 -16.25
C VAL B 107 -17.35 -16.70 -16.12
N GLY B 108 -17.73 -16.11 -17.25
CA GLY B 108 -18.62 -14.95 -17.25
C GLY B 108 -17.86 -13.65 -17.05
N ASN B 109 -17.99 -13.07 -15.85
CA ASN B 109 -17.31 -11.83 -15.49
C ASN B 109 -16.11 -12.06 -14.59
N ILE B 110 -15.20 -11.08 -14.57
CA ILE B 110 -13.99 -11.18 -13.78
C ILE B 110 -13.86 -9.97 -12.83
N ASP B 111 -13.07 -10.12 -11.78
CA ASP B 111 -12.92 -9.07 -10.78
C ASP B 111 -11.51 -8.47 -10.71
N GLY B 112 -10.55 -9.11 -11.38
CA GLY B 112 -9.17 -8.64 -11.34
C GLY B 112 -8.16 -9.47 -12.10
N VAL B 113 -7.00 -8.87 -12.36
CA VAL B 113 -5.90 -9.56 -13.01
C VAL B 113 -4.61 -9.33 -12.24
N TYR B 114 -3.88 -10.41 -11.96
CA TYR B 114 -2.52 -10.28 -11.49
C TYR B 114 -1.54 -10.55 -12.62
N HIS B 115 -0.80 -9.50 -12.98
CA HIS B 115 0.19 -9.55 -14.04
C HIS B 115 1.55 -9.76 -13.43
N SER B 116 2.20 -10.85 -13.80
CA SER B 116 3.49 -11.23 -13.23
C SER B 116 4.36 -11.83 -14.32
N ILE B 117 4.50 -11.07 -15.40
CA ILE B 117 5.25 -11.50 -16.57
C ILE B 117 6.37 -10.50 -16.82
N ALA B 118 7.58 -11.00 -17.03
CA ALA B 118 8.71 -10.19 -17.49
C ALA B 118 9.63 -11.02 -18.35
N PHE B 119 10.36 -10.35 -19.23
CA PHE B 119 11.39 -11.01 -20.03
C PHE B 119 12.42 -10.05 -20.59
N ALA B 120 13.66 -10.53 -20.69
CA ALA B 120 14.73 -9.87 -21.43
C ALA B 120 15.78 -10.92 -21.78
N ASN B 121 16.48 -10.74 -22.90
CA ASN B 121 17.62 -11.58 -23.22
C ASN B 121 18.69 -11.40 -22.15
N MET B 122 19.24 -12.51 -21.67
CA MET B 122 20.25 -12.47 -20.60
C MET B 122 21.53 -11.74 -21.02
N GLU B 123 21.82 -11.71 -22.31
CA GLU B 123 22.98 -11.00 -22.83
C GLU B 123 22.96 -9.52 -22.46
N ASP B 124 21.77 -8.97 -22.28
CA ASP B 124 21.62 -7.55 -21.97
C ASP B 124 21.80 -7.23 -20.47
N LEU B 125 21.97 -8.26 -19.65
CA LEU B 125 22.16 -8.08 -18.22
C LEU B 125 23.59 -8.37 -17.75
N ARG B 126 24.44 -8.81 -18.68
CA ARG B 126 25.73 -9.40 -18.31
C ARG B 126 27.04 -8.58 -18.40
N GLY B 127 27.18 -7.57 -19.25
CA GLY B 127 26.14 -6.96 -20.08
C GLY B 127 26.22 -5.46 -19.83
N ARG B 128 26.77 -4.72 -20.80
CA ARG B 128 26.84 -3.27 -20.70
C ARG B 128 25.57 -2.65 -21.26
N PHE B 129 24.93 -1.77 -20.48
CA PHE B 129 23.66 -1.19 -20.90
C PHE B 129 23.73 -0.42 -22.22
N SER B 130 24.80 0.34 -22.43
CA SER B 130 24.98 1.11 -23.66
C SER B 130 25.12 0.22 -24.90
N GLU B 131 25.37 -1.07 -24.69
CA GLU B 131 25.54 -2.03 -25.79
C GLU B 131 24.25 -2.72 -26.17
N THR B 132 23.16 -2.41 -25.46
CA THR B 132 21.85 -3.01 -25.72
C THR B 132 21.43 -2.82 -27.17
N SER B 133 21.03 -3.92 -27.81
CA SER B 133 20.54 -3.88 -29.19
C SER B 133 19.09 -3.40 -29.20
N ARG B 134 18.63 -2.97 -30.38
CA ARG B 134 17.26 -2.51 -30.59
C ARG B 134 16.26 -3.64 -30.29
N GLU B 135 16.55 -4.84 -30.80
CA GLU B 135 15.69 -6.01 -30.59
C GLU B 135 15.52 -6.35 -29.12
N GLY B 136 16.62 -6.28 -28.37
CA GLY B 136 16.61 -6.53 -26.93
C GLY B 136 15.76 -5.52 -26.19
N PHE B 137 16.01 -4.24 -26.45
CA PHE B 137 15.28 -3.14 -25.81
C PHE B 137 13.79 -3.26 -26.04
N LEU B 138 13.40 -3.43 -27.30
CA LEU B 138 11.99 -3.51 -27.71
C LEU B 138 11.29 -4.76 -27.21
N LEU B 139 12.02 -5.87 -27.14
CA LEU B 139 11.46 -7.13 -26.65
C LEU B 139 11.15 -7.06 -25.16
N ALA B 140 12.05 -6.47 -24.38
CA ALA B 140 11.84 -6.28 -22.95
C ALA B 140 10.68 -5.33 -22.67
N GLN B 141 10.57 -4.27 -23.46
CA GLN B 141 9.43 -3.33 -23.40
C GLN B 141 8.12 -4.03 -23.78
N ASP B 142 8.18 -4.79 -24.87
CA ASP B 142 7.03 -5.50 -25.42
C ASP B 142 6.40 -6.43 -24.38
N ILE B 143 7.20 -7.35 -23.87
CA ILE B 143 6.71 -8.40 -22.96
C ILE B 143 6.49 -7.88 -21.54
N SER B 144 7.39 -7.03 -21.06
CA SER B 144 7.36 -6.61 -19.64
C SER B 144 6.45 -5.40 -19.41
N SER B 145 6.22 -4.60 -20.44
CA SER B 145 5.46 -3.36 -20.26
C SER B 145 4.19 -3.27 -21.09
N TYR B 146 4.30 -3.38 -22.42
CA TYR B 146 3.11 -3.28 -23.27
C TYR B 146 2.08 -4.38 -22.97
N SER B 147 2.56 -5.53 -22.50
CA SER B 147 1.68 -6.65 -22.15
C SER B 147 0.58 -6.26 -21.16
N LEU B 148 0.87 -5.32 -20.26
CA LEU B 148 -0.10 -4.85 -19.29
C LEU B 148 -1.21 -4.05 -19.97
N THR B 149 -0.82 -3.22 -20.95
CA THR B 149 -1.75 -2.40 -21.70
C THR B 149 -2.83 -3.22 -22.45
N ILE B 150 -2.42 -4.22 -23.24
CA ILE B 150 -3.40 -5.05 -23.98
C ILE B 150 -4.24 -5.93 -23.06
N VAL B 151 -3.60 -6.48 -22.03
CA VAL B 151 -4.33 -7.26 -21.03
C VAL B 151 -5.42 -6.40 -20.39
N ALA B 152 -5.06 -5.18 -19.98
CA ALA B 152 -6.02 -4.27 -19.36
C ALA B 152 -7.19 -3.99 -20.30
N HIS B 153 -6.89 -3.68 -21.57
CA HIS B 153 -7.93 -3.42 -22.56
C HIS B 153 -8.91 -4.56 -22.71
N GLU B 154 -8.38 -5.78 -22.77
CA GLU B 154 -9.19 -6.98 -22.95
C GLU B 154 -9.89 -7.40 -21.65
N ALA B 155 -9.18 -7.30 -20.52
CA ALA B 155 -9.75 -7.65 -19.21
C ALA B 155 -10.89 -6.71 -18.81
N LYS B 156 -10.80 -5.47 -19.28
CA LYS B 156 -11.84 -4.46 -19.08
C LYS B 156 -13.20 -4.92 -19.61
N LYS B 157 -13.18 -5.65 -20.74
CA LYS B 157 -14.39 -6.22 -21.34
C LYS B 157 -15.15 -7.15 -20.40
N LEU B 158 -14.44 -7.72 -19.44
CA LEU B 158 -15.02 -8.66 -18.50
C LEU B 158 -15.24 -8.04 -17.11
N MET B 159 -15.06 -6.72 -17.00
CA MET B 159 -15.24 -6.01 -15.73
C MET B 159 -16.29 -4.91 -15.83
N PRO B 160 -17.58 -5.28 -15.98
CA PRO B 160 -18.63 -4.29 -16.24
C PRO B 160 -18.83 -3.33 -15.07
N GLU B 161 -18.66 -3.83 -13.86
CA GLU B 161 -18.88 -3.05 -12.65
C GLU B 161 -17.57 -2.61 -11.99
N GLY B 162 -16.46 -2.87 -12.69
CA GLY B 162 -15.14 -2.48 -12.21
C GLY B 162 -14.31 -3.65 -11.73
N GLY B 163 -13.11 -3.36 -11.25
CA GLY B 163 -12.17 -4.38 -10.81
C GLY B 163 -10.80 -3.82 -10.45
N SER B 164 -9.82 -4.71 -10.31
CA SER B 164 -8.49 -4.32 -9.90
C SER B 164 -7.42 -5.07 -10.71
N ILE B 165 -6.47 -4.32 -11.27
CA ILE B 165 -5.35 -4.94 -11.98
C ILE B 165 -4.07 -4.61 -11.22
N VAL B 166 -3.24 -5.63 -11.01
CA VAL B 166 -1.98 -5.46 -10.29
C VAL B 166 -0.82 -6.04 -11.09
N ALA B 167 0.28 -5.29 -11.15
CA ALA B 167 1.48 -5.70 -11.86
C ALA B 167 2.67 -5.79 -10.91
N THR B 168 3.57 -6.73 -11.17
CA THR B 168 4.78 -6.86 -10.35
C THR B 168 5.91 -6.06 -10.97
N THR B 169 6.51 -5.20 -10.17
CA THR B 169 7.65 -4.41 -10.60
C THR B 169 8.85 -4.61 -9.66
N TYR B 170 9.97 -3.98 -9.99
CA TYR B 170 11.15 -4.03 -9.14
C TYR B 170 11.79 -2.65 -9.03
N LEU B 171 12.41 -2.39 -7.89
CA LEU B 171 13.08 -1.12 -7.57
C LEU B 171 14.02 -0.63 -8.68
N GLY B 172 14.54 -1.58 -9.47
CA GLY B 172 15.34 -1.26 -10.65
C GLY B 172 14.67 -0.32 -11.65
N GLY B 173 13.35 -0.21 -11.57
CA GLY B 173 12.60 0.76 -12.38
C GLY B 173 12.71 2.20 -11.91
N GLU B 174 13.02 2.40 -10.63
CA GLU B 174 13.13 3.75 -10.06
C GLU B 174 14.58 4.21 -9.98
N PHE B 175 15.49 3.25 -9.78
CA PHE B 175 16.92 3.55 -9.64
C PHE B 175 17.75 2.65 -10.54
N ALA B 176 18.93 3.14 -10.93
CA ALA B 176 19.90 2.33 -11.66
C ALA B 176 20.52 1.26 -10.75
N VAL B 177 20.11 0.01 -10.95
CA VAL B 177 20.63 -1.12 -10.19
C VAL B 177 21.59 -1.91 -11.10
N GLN B 178 22.78 -2.23 -10.57
CA GLN B 178 23.81 -2.95 -11.31
C GLN B 178 23.26 -4.21 -11.98
N ASN B 179 23.57 -4.37 -13.27
CA ASN B 179 23.21 -5.56 -14.07
C ASN B 179 21.73 -5.73 -14.41
N TYR B 180 20.87 -4.89 -13.84
CA TYR B 180 19.45 -4.95 -14.16
C TYR B 180 19.18 -4.35 -15.55
N ASN B 181 19.95 -3.30 -15.87
CA ASN B 181 20.04 -2.74 -17.23
C ASN B 181 18.72 -2.49 -17.98
N VAL B 182 18.51 -3.24 -19.07
CA VAL B 182 17.34 -3.07 -19.93
C VAL B 182 16.02 -3.43 -19.23
N MET B 183 16.10 -4.29 -18.22
CA MET B 183 14.92 -4.61 -17.43
C MET B 183 14.47 -3.44 -16.56
N GLY B 184 15.43 -2.63 -16.12
CA GLY B 184 15.15 -1.42 -15.35
C GLY B 184 14.37 -0.40 -16.16
N VAL B 185 14.73 -0.28 -17.43
CA VAL B 185 14.02 0.61 -18.35
C VAL B 185 12.61 0.09 -18.62
N ALA B 186 12.48 -1.24 -18.72
CA ALA B 186 11.17 -1.88 -18.93
C ALA B 186 10.27 -1.79 -17.68
N LYS B 187 10.88 -1.77 -16.50
CA LYS B 187 10.13 -1.60 -15.26
C LYS B 187 9.67 -0.17 -15.05
N ALA B 188 10.50 0.78 -15.49
CA ALA B 188 10.16 2.21 -15.45
C ALA B 188 9.02 2.52 -16.43
N SER B 189 9.06 1.84 -17.57
CA SER B 189 7.99 1.87 -18.57
C SER B 189 6.70 1.27 -17.99
N LEU B 190 6.81 0.11 -17.34
CA LEU B 190 5.68 -0.53 -16.67
C LEU B 190 5.07 0.31 -15.53
N GLU B 191 5.90 0.97 -14.73
CA GLU B 191 5.40 1.83 -13.65
C GLU B 191 4.58 3.01 -14.19
N ALA B 192 5.06 3.65 -15.26
CA ALA B 192 4.30 4.71 -15.92
C ALA B 192 3.03 4.17 -16.59
N ASN B 193 3.13 2.97 -17.15
CA ASN B 193 2.00 2.25 -17.73
C ASN B 193 0.88 2.11 -16.71
N VAL B 194 1.25 1.69 -15.51
CA VAL B 194 0.31 1.58 -14.37
C VAL B 194 -0.41 2.92 -14.11
N LYS B 195 0.36 4.00 -14.06
CA LYS B 195 -0.22 5.33 -13.80
C LYS B 195 -1.15 5.81 -14.92
N TYR B 196 -0.76 5.59 -16.18
CA TYR B 196 -1.60 5.99 -17.31
C TYR B 196 -2.86 5.15 -17.46
N LEU B 197 -2.77 3.86 -17.17
CA LEU B 197 -3.95 2.99 -17.14
C LEU B 197 -4.89 3.41 -16.00
N ALA B 198 -4.32 3.77 -14.85
CA ALA B 198 -5.09 4.25 -13.70
C ALA B 198 -5.95 5.47 -14.03
N LEU B 199 -5.35 6.44 -14.74
CA LEU B 199 -6.09 7.63 -15.17
C LEU B 199 -7.13 7.27 -16.22
N ASP B 200 -6.78 6.33 -17.10
CA ASP B 200 -7.65 5.91 -18.19
C ASP B 200 -8.87 5.12 -17.72
N LEU B 201 -8.63 4.17 -16.82
CA LEU B 201 -9.64 3.18 -16.43
C LEU B 201 -10.38 3.57 -15.15
N GLY B 202 -9.85 4.57 -14.43
CA GLY B 202 -10.51 5.12 -13.24
C GLY B 202 -12.01 5.34 -13.39
N PRO B 203 -12.43 6.12 -14.40
CA PRO B 203 -13.87 6.34 -14.63
C PRO B 203 -14.70 5.07 -14.89
N ASP B 204 -14.06 4.00 -15.35
CA ASP B 204 -14.74 2.70 -15.53
C ASP B 204 -14.77 1.89 -14.23
N ASN B 205 -14.39 2.55 -13.13
CA ASN B 205 -14.26 1.95 -11.80
C ASN B 205 -13.23 0.82 -11.70
N ILE B 206 -12.18 0.92 -12.49
CA ILE B 206 -11.10 -0.07 -12.50
C ILE B 206 -9.82 0.54 -11.92
N ARG B 207 -9.35 -0.02 -10.82
CA ARG B 207 -8.10 0.44 -10.20
C ARG B 207 -6.93 -0.35 -10.75
N VAL B 208 -5.78 0.30 -10.87
CA VAL B 208 -4.56 -0.38 -11.30
C VAL B 208 -3.36 0.08 -10.48
N ASN B 209 -2.64 -0.91 -9.95
CA ASN B 209 -1.54 -0.67 -9.03
C ASN B 209 -0.38 -1.60 -9.32
N ALA B 210 0.78 -1.26 -8.75
CA ALA B 210 1.96 -2.10 -8.88
C ALA B 210 2.46 -2.54 -7.52
N ILE B 211 3.01 -3.75 -7.46
CA ILE B 211 3.73 -4.21 -6.29
C ILE B 211 5.21 -4.26 -6.66
N SER B 212 6.02 -3.52 -5.89
CA SER B 212 7.46 -3.58 -6.06
C SER B 212 8.03 -4.61 -5.10
N ALA B 213 8.27 -5.82 -5.62
CA ALA B 213 8.77 -6.92 -4.81
C ALA B 213 10.28 -6.86 -4.61
N GLY B 214 10.72 -7.19 -3.40
CA GLY B 214 12.14 -7.40 -3.11
C GLY B 214 12.66 -8.65 -3.79
N PRO B 215 13.99 -8.83 -3.83
CA PRO B 215 14.56 -9.96 -4.55
C PRO B 215 14.10 -11.30 -3.98
N ILE B 216 13.64 -12.19 -4.88
CA ILE B 216 13.14 -13.51 -4.50
C ILE B 216 13.74 -14.56 -5.43
N ARG B 217 14.12 -15.70 -4.85
CA ARG B 217 14.75 -16.79 -5.58
C ARG B 217 13.73 -17.52 -6.45
N THR B 218 13.60 -17.05 -7.69
CA THR B 218 12.70 -17.67 -8.65
C THR B 218 13.51 -18.23 -9.83
N LEU B 219 12.81 -18.85 -10.79
CA LEU B 219 13.43 -19.36 -12.01
C LEU B 219 14.16 -18.27 -12.79
N SER B 220 13.55 -17.09 -12.87
CA SER B 220 14.13 -15.95 -13.58
C SER B 220 15.37 -15.38 -12.88
N ALA B 221 15.27 -15.22 -11.56
CA ALA B 221 16.38 -14.72 -10.75
C ALA B 221 17.55 -15.71 -10.71
N LYS B 222 17.24 -17.00 -10.78
CA LYS B 222 18.24 -18.07 -10.83
C LYS B 222 19.11 -17.99 -12.10
N GLY B 223 18.72 -17.15 -13.05
CA GLY B 223 19.50 -16.88 -14.25
C GLY B 223 20.54 -15.78 -14.10
N VAL B 224 20.42 -14.96 -13.05
CA VAL B 224 21.34 -13.85 -12.81
C VAL B 224 22.48 -14.28 -11.88
N GLY B 225 23.72 -14.06 -12.33
CA GLY B 225 24.90 -14.38 -11.55
C GLY B 225 25.05 -13.50 -10.32
N GLY B 226 25.51 -14.11 -9.22
CA GLY B 226 25.72 -13.40 -7.96
C GLY B 226 24.43 -12.97 -7.27
N PHE B 227 23.35 -13.71 -7.55
CA PHE B 227 22.05 -13.43 -6.94
C PHE B 227 22.07 -13.62 -5.42
N ASN B 228 22.93 -14.51 -4.93
CA ASN B 228 23.10 -14.74 -3.49
C ASN B 228 23.68 -13.51 -2.79
N THR B 229 24.55 -12.78 -3.49
CA THR B 229 25.19 -11.58 -2.94
C THR B 229 24.18 -10.50 -2.57
N ILE B 230 23.19 -10.29 -3.44
CA ILE B 230 22.18 -9.25 -3.22
C ILE B 230 21.14 -9.63 -2.17
N LEU B 231 20.86 -10.92 -2.04
CA LEU B 231 20.00 -11.43 -0.96
C LEU B 231 20.68 -11.28 0.40
N LYS B 232 22.02 -11.36 0.41
CA LYS B 232 22.82 -11.17 1.61
C LYS B 232 22.84 -9.68 1.98
N GLU B 233 22.83 -8.83 0.96
CA GLU B 233 22.82 -7.39 1.12
C GLU B 233 21.52 -6.90 1.78
N ILE B 234 20.38 -7.35 1.24
CA ILE B 234 19.06 -7.01 1.79
C ILE B 234 18.98 -7.41 3.27
N GLU B 235 19.46 -8.62 3.57
CA GLU B 235 19.41 -9.18 4.92
C GLU B 235 20.18 -8.33 5.93
N GLU B 236 21.19 -7.61 5.45
CA GLU B 236 22.04 -6.81 6.32
C GLU B 236 21.64 -5.32 6.36
N ARG B 237 21.04 -4.83 5.28
CA ARG B 237 20.78 -3.39 5.12
C ARG B 237 19.33 -2.97 5.33
N ALA B 238 18.39 -3.79 4.87
CA ALA B 238 16.96 -3.47 4.94
C ALA B 238 16.49 -3.36 6.39
N PRO B 239 15.59 -2.39 6.68
CA PRO B 239 15.02 -2.19 8.02
C PRO B 239 14.67 -3.49 8.75
N LEU B 240 13.93 -4.36 8.08
CA LEU B 240 13.47 -5.62 8.68
C LEU B 240 14.57 -6.68 8.78
N LYS B 241 15.73 -6.42 8.18
CA LYS B 241 16.90 -7.29 8.26
C LYS B 241 16.62 -8.73 7.82
N ARG B 242 15.78 -8.86 6.80
CA ARG B 242 15.37 -10.16 6.26
C ARG B 242 14.87 -9.99 4.83
N ASN B 243 14.82 -11.08 4.09
CA ASN B 243 14.21 -11.10 2.76
C ASN B 243 12.71 -11.39 2.85
N VAL B 244 12.00 -11.03 1.79
CA VAL B 244 10.56 -11.33 1.68
C VAL B 244 10.35 -12.62 0.88
N ASP B 245 9.16 -13.20 0.98
CA ASP B 245 8.83 -14.36 0.15
C ASP B 245 7.59 -14.12 -0.71
N GLN B 246 7.23 -15.12 -1.51
CA GLN B 246 6.14 -15.05 -2.47
C GLN B 246 4.76 -14.77 -1.86
N VAL B 247 4.47 -15.39 -0.72
CA VAL B 247 3.16 -15.23 -0.09
C VAL B 247 2.97 -13.83 0.49
N GLU B 248 4.08 -13.18 0.84
CA GLU B 248 4.04 -11.79 1.32
C GLU B 248 3.63 -10.85 0.20
N VAL B 249 4.08 -11.14 -1.02
CA VAL B 249 3.63 -10.37 -2.20
C VAL B 249 2.16 -10.70 -2.47
N GLY B 250 1.78 -11.95 -2.21
CA GLY B 250 0.39 -12.41 -2.35
C GLY B 250 -0.58 -11.71 -1.41
N LYS B 251 -0.15 -11.48 -0.17
CA LYS B 251 -0.98 -10.81 0.83
C LYS B 251 -1.27 -9.35 0.47
N THR B 252 -0.26 -8.63 -0.01
CA THR B 252 -0.44 -7.25 -0.49
C THR B 252 -1.28 -7.24 -1.78
N ALA B 253 -1.09 -8.25 -2.63
CA ALA B 253 -1.91 -8.41 -3.82
C ALA B 253 -3.37 -8.64 -3.43
N ALA B 254 -3.60 -9.50 -2.44
CA ALA B 254 -4.94 -9.72 -1.89
C ALA B 254 -5.58 -8.40 -1.46
N TYR B 255 -4.79 -7.56 -0.78
CA TYR B 255 -5.20 -6.21 -0.42
C TYR B 255 -5.54 -5.36 -1.64
N LEU B 256 -4.65 -5.38 -2.64
CA LEU B 256 -4.83 -4.55 -3.82
C LEU B 256 -5.97 -5.04 -4.75
N LEU B 257 -6.19 -6.36 -4.78
CA LEU B 257 -7.25 -6.94 -5.60
C LEU B 257 -8.63 -6.84 -4.96
N SER B 258 -8.67 -6.61 -3.65
CA SER B 258 -9.94 -6.53 -2.90
C SER B 258 -10.39 -5.09 -2.69
N ASP B 259 -11.60 -4.94 -2.15
CA ASP B 259 -12.16 -3.62 -1.82
C ASP B 259 -11.57 -2.98 -0.55
N LEU B 260 -10.53 -3.62 0.00
CA LEU B 260 -9.80 -3.05 1.13
C LEU B 260 -8.92 -1.88 0.68
N SER B 261 -8.49 -1.92 -0.59
CA SER B 261 -7.70 -0.83 -1.20
C SER B 261 -8.60 0.11 -2.00
N SER B 262 -9.84 0.25 -1.52
CA SER B 262 -10.93 0.97 -2.19
C SER B 262 -10.55 2.25 -2.96
N GLY B 263 -9.89 3.19 -2.29
CA GLY B 263 -9.53 4.46 -2.94
C GLY B 263 -8.09 4.58 -3.41
N VAL B 264 -7.42 3.43 -3.57
CA VAL B 264 -6.01 3.40 -3.95
C VAL B 264 -5.85 3.00 -5.42
N THR B 265 -5.28 3.90 -6.22
CA THR B 265 -4.96 3.59 -7.61
C THR B 265 -3.77 4.41 -8.11
N GLY B 266 -3.07 3.87 -9.11
CA GLY B 266 -1.85 4.47 -9.63
C GLY B 266 -0.68 4.37 -8.66
N GLU B 267 -0.80 3.49 -7.67
CA GLU B 267 0.20 3.36 -6.60
C GLU B 267 1.22 2.26 -6.87
N ASN B 268 2.38 2.39 -6.21
CA ASN B 268 3.43 1.38 -6.23
C ASN B 268 3.80 1.02 -4.78
N ILE B 269 3.35 -0.15 -4.33
CA ILE B 269 3.61 -0.60 -2.97
C ILE B 269 4.81 -1.56 -2.90
N HIS B 270 5.82 -1.16 -2.12
CA HIS B 270 7.04 -1.96 -1.98
C HIS B 270 6.90 -3.03 -0.93
N VAL B 271 7.03 -4.28 -1.37
CA VAL B 271 7.10 -5.42 -0.46
C VAL B 271 8.53 -5.92 -0.51
N ASP B 272 9.38 -5.30 0.30
CA ASP B 272 10.82 -5.46 0.18
C ASP B 272 11.58 -5.21 1.49
N SER B 273 10.90 -5.46 2.61
CA SER B 273 11.48 -5.29 3.96
C SER B 273 11.98 -3.86 4.24
N GLY B 274 11.45 -2.89 3.51
CA GLY B 274 11.80 -1.48 3.68
C GLY B 274 13.08 -1.02 2.99
N PHE B 275 13.59 -1.84 2.07
CA PHE B 275 14.84 -1.53 1.36
C PHE B 275 14.74 -0.29 0.49
N HIS B 276 13.54 -0.03 -0.04
CA HIS B 276 13.28 1.14 -0.89
C HIS B 276 13.52 2.44 -0.16
N ALA B 277 13.31 2.44 1.15
CA ALA B 277 13.35 3.66 1.96
C ALA B 277 14.74 4.06 2.49
N ILE B 278 15.75 3.24 2.22
CA ILE B 278 17.10 3.50 2.76
C ILE B 278 18.13 4.00 1.75
N LYS B 279 19.21 4.58 2.28
CA LYS B 279 20.34 5.17 1.54
C LYS B 279 20.26 5.18 0.01
#